data_9KXG
#
_entry.id   9KXG
#
_cell.length_a   69.290
_cell.length_b   69.290
_cell.length_c   78.580
_cell.angle_alpha   90.00
_cell.angle_beta   90.00
_cell.angle_gamma   120.00
#
_symmetry.space_group_name_H-M   'P 31 2 1'
#
loop_
_entity.id
_entity.type
_entity.pdbx_description
1 polymer 'Peptidyl-prolyl cis-trans isomerase NIMA-interacting 1'
2 non-polymer ~{N}-pyridin-3-ylethanamide
3 non-polymer 3,6,9,12,15,18,21-HEPTAOXATRICOSANE-1,23-DIOL
4 non-polymer 'SULFATE ION'
5 non-polymer 'CHLORIDE ION'
6 water water
#
_entity_poly.entity_id   1
_entity_poly.type   'polypeptide(L)'
_entity_poly.pdbx_seq_one_letter_code
;MADEEKLPPGWEKAMSRSSGRVYYFNHITNASQWERPSGNSSSGGKNGQGEPARVRCSHLLVKHSQSRRPSSWRQEKITR
TKEEALELINGYIQKIKSGEEDFESLASQFSDCSSAKARGDLGAFSRGQMQKPFEDASFALRTGEMSGPVFTDSGIHIIL
RTE
;
_entity_poly.pdbx_strand_id   A
#
loop_
_chem_comp.id
_chem_comp.type
_chem_comp.name
_chem_comp.formula
CL non-polymer 'CHLORIDE ION' 'Cl -1'
M4T non-polymer ~{N}-pyridin-3-ylethanamide 'C7 H8 N2 O'
PE8 non-polymer 3,6,9,12,15,18,21-HEPTAOXATRICOSANE-1,23-DIOL 'C16 H34 O9'
SO4 non-polymer 'SULFATE ION' 'O4 S -2'
#
# COMPACT_ATOMS: atom_id res chain seq x y z
N LYS A 6 -6.26 1.58 24.20
CA LYS A 6 -6.58 0.26 23.67
C LYS A 6 -5.64 -0.12 22.54
N LEU A 7 -5.90 0.46 21.36
CA LEU A 7 -5.25 0.10 20.12
C LEU A 7 -4.46 1.28 19.58
N PRO A 8 -3.29 1.06 18.97
CA PRO A 8 -2.54 2.16 18.38
C PRO A 8 -3.43 2.98 17.47
N PRO A 9 -3.71 4.26 17.81
CA PRO A 9 -4.68 5.06 17.04
C PRO A 9 -4.58 4.83 15.54
N GLY A 10 -5.73 4.85 14.87
CA GLY A 10 -5.87 4.35 13.54
C GLY A 10 -6.57 3.00 13.44
N TRP A 11 -6.53 2.20 14.50
CA TRP A 11 -7.08 0.86 14.50
C TRP A 11 -8.49 0.83 15.12
N GLU A 12 -9.35 0.01 14.54
CA GLU A 12 -10.68 -0.22 15.08
C GLU A 12 -11.02 -1.70 14.94
N LYS A 13 -11.91 -2.16 15.81
CA LYS A 13 -12.42 -3.51 15.75
C LYS A 13 -13.49 -3.60 14.67
N ALA A 14 -13.55 -4.76 14.01
CA ALA A 14 -14.57 -4.99 13.03
C ALA A 14 -14.97 -6.45 13.17
N MET A 15 -16.03 -6.84 12.47
CA MET A 15 -16.47 -8.22 12.45
C MET A 15 -16.51 -8.71 11.02
N SER A 16 -15.95 -9.90 10.80
CA SER A 16 -15.98 -10.52 9.48
C SER A 16 -17.42 -10.84 9.10
N ARG A 17 -17.85 -10.35 7.94
CA ARG A 17 -19.16 -10.71 7.42
C ARG A 17 -19.27 -12.19 7.13
N SER A 18 -18.17 -12.79 6.67
CA SER A 18 -18.26 -14.17 6.23
C SER A 18 -18.10 -15.16 7.37
N SER A 19 -17.35 -14.80 8.41
CA SER A 19 -17.04 -15.74 9.48
C SER A 19 -17.52 -15.33 10.86
N GLY A 20 -17.80 -14.06 11.10
CA GLY A 20 -18.22 -13.65 12.43
C GLY A 20 -17.09 -13.42 13.42
N ARG A 21 -15.85 -13.75 13.05
CA ARG A 21 -14.71 -13.46 13.91
C ARG A 21 -14.35 -11.99 13.87
N VAL A 22 -13.95 -11.47 15.03
CA VAL A 22 -13.47 -10.11 15.08
C VAL A 22 -12.14 -9.99 14.34
N TYR A 23 -11.91 -8.84 13.74
CA TYR A 23 -10.63 -8.53 13.16
C TYR A 23 -10.36 -7.06 13.41
N TYR A 24 -9.19 -6.60 13.01
CA TYR A 24 -8.78 -5.23 13.24
C TYR A 24 -8.47 -4.56 11.91
N PHE A 25 -8.93 -3.33 11.78
CA PHE A 25 -8.78 -2.55 10.56
C PHE A 25 -8.16 -1.21 10.93
N ASN A 26 -7.23 -0.76 10.11
CA ASN A 26 -6.57 0.53 10.30
C ASN A 26 -7.02 1.48 9.21
N HIS A 27 -7.67 2.59 9.57
CA HIS A 27 -8.22 3.47 8.55
C HIS A 27 -7.19 4.45 7.99
N ILE A 28 -5.96 4.45 8.50
CA ILE A 28 -4.89 5.26 7.91
C ILE A 28 -4.09 4.46 6.89
N THR A 29 -3.82 3.20 7.18
CA THR A 29 -3.09 2.33 6.27
C THR A 29 -3.98 1.44 5.43
N ASN A 30 -5.27 1.32 5.77
CA ASN A 30 -6.18 0.35 5.18
C ASN A 30 -5.70 -1.08 5.36
N ALA A 31 -4.83 -1.32 6.34
CA ALA A 31 -4.47 -2.67 6.71
C ALA A 31 -5.60 -3.34 7.49
N SER A 32 -5.72 -4.65 7.31
CA SER A 32 -6.65 -5.43 8.13
C SER A 32 -5.99 -6.74 8.52
N GLN A 33 -6.28 -7.22 9.73
CA GLN A 33 -5.57 -8.38 10.25
C GLN A 33 -6.40 -9.00 11.36
N TRP A 34 -6.12 -10.28 11.66
CA TRP A 34 -6.87 -10.97 12.71
C TRP A 34 -6.36 -10.66 14.11
N GLU A 35 -5.04 -10.50 14.31
CA GLU A 35 -4.55 -10.31 15.67
C GLU A 35 -4.73 -8.87 16.12
N ARG A 36 -4.90 -8.71 17.43
CA ARG A 36 -4.95 -7.38 18.03
C ARG A 36 -3.61 -6.67 17.76
N PRO A 37 -3.62 -5.49 17.15
CA PRO A 37 -2.37 -4.89 16.70
C PRO A 37 -1.41 -4.60 17.85
N SER A 38 -0.12 -4.65 17.54
CA SER A 38 0.92 -4.41 18.53
C SER A 38 0.93 -2.94 18.92
N GLY A 39 0.64 -2.66 20.19
CA GLY A 39 0.70 -1.31 20.73
C GLY A 39 -0.53 -0.92 21.52
N GLU A 51 6.74 9.04 16.91
CA GLU A 51 6.99 8.62 15.53
C GLU A 51 8.36 9.14 15.06
N PRO A 52 9.03 8.36 14.21
CA PRO A 52 10.40 8.69 13.82
C PRO A 52 10.45 9.87 12.85
N ALA A 53 11.61 10.53 12.82
CA ALA A 53 11.78 11.63 11.88
C ALA A 53 11.56 11.14 10.45
N ARG A 54 11.96 9.90 10.16
CA ARG A 54 11.98 9.42 8.79
C ARG A 54 11.59 7.95 8.78
N VAL A 55 11.01 7.53 7.67
CA VAL A 55 10.72 6.12 7.44
C VAL A 55 11.21 5.78 6.05
N ARG A 56 11.44 4.49 5.82
CA ARG A 56 11.80 4.02 4.49
C ARG A 56 10.72 3.07 4.01
N CYS A 57 10.26 3.27 2.77
CA CYS A 57 9.20 2.41 2.27
C CYS A 57 9.50 1.96 0.85
N SER A 58 8.94 0.81 0.52
CA SER A 58 8.76 0.38 -0.85
C SER A 58 7.28 0.48 -1.18
N HIS A 59 6.95 0.54 -2.47
CA HIS A 59 5.54 0.55 -2.83
C HIS A 59 5.39 -0.11 -4.20
N LEU A 60 4.18 -0.62 -4.41
CA LEU A 60 3.70 -1.12 -5.69
C LEU A 60 2.54 -0.22 -6.06
N LEU A 61 2.67 0.48 -7.17
CA LEU A 61 1.69 1.43 -7.62
C LEU A 61 0.94 0.83 -8.79
N VAL A 62 -0.38 0.86 -8.73
CA VAL A 62 -1.18 0.59 -9.91
C VAL A 62 -1.89 1.88 -10.29
N LYS A 63 -1.60 2.36 -11.49
CA LYS A 63 -2.19 3.59 -11.94
C LYS A 63 -3.52 3.30 -12.61
N HIS A 64 -4.29 4.37 -12.83
CA HIS A 64 -5.54 4.25 -13.55
C HIS A 64 -5.70 5.48 -14.44
N SER A 65 -6.78 5.49 -15.22
CA SER A 65 -6.95 6.56 -16.22
C SER A 65 -7.07 7.93 -15.60
N GLN A 66 -7.41 8.03 -14.31
CA GLN A 66 -7.51 9.32 -13.66
C GLN A 66 -6.24 9.66 -12.89
N SER A 67 -5.20 8.84 -13.03
CA SER A 67 -3.93 9.17 -12.39
C SER A 67 -3.41 10.49 -12.91
N ARG A 68 -2.69 11.21 -12.04
CA ARG A 68 -2.15 12.52 -12.41
C ARG A 68 -1.36 12.44 -13.72
N ARG A 69 -0.51 11.43 -13.86
CA ARG A 69 0.07 11.08 -15.17
C ARG A 69 -0.32 9.66 -15.50
N PRO A 70 -1.29 9.47 -16.40
CA PRO A 70 -1.78 8.12 -16.75
C PRO A 70 -0.86 7.47 -17.79
N SER A 71 0.38 7.27 -17.40
CA SER A 71 1.39 6.63 -18.23
C SER A 71 2.44 6.08 -17.29
N SER A 72 3.17 5.08 -17.76
CA SER A 72 4.24 4.50 -16.94
C SER A 72 5.18 3.75 -17.86
N TRP A 73 6.26 3.24 -17.26
CA TRP A 73 7.19 2.42 -18.01
C TRP A 73 6.53 1.16 -18.57
N ARG A 74 5.44 0.69 -17.93
CA ARG A 74 4.74 -0.51 -18.40
C ARG A 74 3.83 -0.21 -19.58
N GLN A 75 3.30 1.01 -19.66
CA GLN A 75 2.22 1.34 -20.58
C GLN A 75 2.29 2.81 -20.93
N GLU A 76 2.39 3.13 -22.22
CA GLU A 76 2.40 4.53 -22.63
C GLU A 76 1.09 5.22 -22.27
N LYS A 77 -0.03 4.50 -22.37
CA LYS A 77 -1.35 5.05 -22.08
C LYS A 77 -2.03 4.12 -21.07
N ILE A 78 -2.14 4.58 -19.83
CA ILE A 78 -2.85 3.80 -18.81
C ILE A 78 -4.33 4.08 -18.93
N THR A 79 -5.09 3.04 -19.30
CA THR A 79 -6.50 3.18 -19.60
C THR A 79 -7.40 2.47 -18.59
N ARG A 80 -6.85 1.70 -17.66
CA ARG A 80 -7.68 0.94 -16.74
C ARG A 80 -8.42 1.90 -15.80
N THR A 81 -9.60 1.46 -15.37
CA THR A 81 -10.41 2.26 -14.47
C THR A 81 -9.88 2.18 -13.05
N LYS A 82 -10.35 3.10 -12.20
CA LYS A 82 -9.98 3.04 -10.80
C LYS A 82 -10.39 1.72 -10.18
N GLU A 83 -11.58 1.22 -10.52
CA GLU A 83 -12.05 -0.06 -10.01
C GLU A 83 -11.16 -1.20 -10.49
N GLU A 84 -10.78 -1.19 -11.78
CA GLU A 84 -9.89 -2.24 -12.27
C GLU A 84 -8.55 -2.19 -11.56
N ALA A 85 -8.01 -0.99 -11.31
CA ALA A 85 -6.74 -0.87 -10.59
C ALA A 85 -6.86 -1.40 -9.17
N LEU A 86 -7.99 -1.16 -8.52
CA LEU A 86 -8.18 -1.68 -7.17
C LEU A 86 -8.26 -3.20 -7.17
N GLU A 87 -8.90 -3.78 -8.19
CA GLU A 87 -8.93 -5.24 -8.28
C GLU A 87 -7.54 -5.81 -8.42
N LEU A 88 -6.70 -5.17 -9.24
CA LEU A 88 -5.32 -5.63 -9.38
C LEU A 88 -4.57 -5.52 -8.06
N ILE A 89 -4.70 -4.37 -7.38
CA ILE A 89 -4.07 -4.21 -6.08
C ILE A 89 -4.52 -5.29 -5.12
N ASN A 90 -5.83 -5.54 -5.06
CA ASN A 90 -6.33 -6.54 -4.12
C ASN A 90 -5.78 -7.92 -4.46
N GLY A 91 -5.63 -8.22 -5.74
CA GLY A 91 -5.04 -9.49 -6.14
C GLY A 91 -3.59 -9.61 -5.69
N TYR A 92 -2.81 -8.55 -5.89
CA TYR A 92 -1.43 -8.58 -5.43
C TYR A 92 -1.35 -8.75 -3.92
N ILE A 93 -2.18 -8.04 -3.17
CA ILE A 93 -2.18 -8.20 -1.71
C ILE A 93 -2.45 -9.64 -1.32
N GLN A 94 -3.43 -10.30 -1.95
CA GLN A 94 -3.72 -11.69 -1.64
C GLN A 94 -2.50 -12.58 -1.85
N LYS A 95 -1.83 -12.43 -3.00
CA LYS A 95 -0.67 -13.26 -3.30
C LYS A 95 0.49 -12.95 -2.38
N ILE A 96 0.68 -11.69 -2.00
CA ILE A 96 1.73 -11.37 -1.03
C ILE A 96 1.41 -11.99 0.32
N LYS A 97 0.16 -11.82 0.77
CA LYS A 97 -0.21 -12.36 2.09
C LYS A 97 -0.16 -13.89 2.13
N SER A 98 -0.49 -14.56 1.03
CA SER A 98 -0.43 -16.03 1.04
C SER A 98 0.98 -16.56 0.90
N GLY A 99 1.93 -15.72 0.56
CA GLY A 99 3.26 -16.19 0.24
C GLY A 99 3.44 -16.73 -1.16
N GLU A 100 2.38 -16.79 -1.96
CA GLU A 100 2.53 -17.21 -3.35
C GLU A 100 3.53 -16.35 -4.08
N GLU A 101 3.55 -15.05 -3.76
CA GLU A 101 4.42 -14.11 -4.45
C GLU A 101 5.05 -13.21 -3.39
N ASP A 102 6.26 -12.74 -3.65
CA ASP A 102 6.91 -11.74 -2.80
C ASP A 102 6.49 -10.35 -3.23
N PHE A 103 6.37 -9.44 -2.26
CA PHE A 103 6.13 -8.04 -2.58
C PHE A 103 7.13 -7.52 -3.61
N GLU A 104 8.41 -7.77 -3.37
CA GLU A 104 9.47 -7.27 -4.25
C GLU A 104 9.29 -7.78 -5.68
N SER A 105 8.88 -9.04 -5.82
CA SER A 105 8.70 -9.61 -7.15
C SER A 105 7.54 -8.93 -7.87
N LEU A 106 6.43 -8.75 -7.18
CA LEU A 106 5.28 -8.12 -7.82
C LEU A 106 5.54 -6.66 -8.11
N ALA A 107 6.26 -5.98 -7.21
CA ALA A 107 6.58 -4.59 -7.48
C ALA A 107 7.47 -4.47 -8.72
N SER A 108 8.51 -5.31 -8.81
CA SER A 108 9.40 -5.27 -9.98
C SER A 108 8.65 -5.51 -11.28
N GLN A 109 7.66 -6.40 -11.26
CA GLN A 109 6.99 -6.78 -12.50
C GLN A 109 5.84 -5.87 -12.86
N PHE A 110 5.14 -5.30 -11.86
CA PHE A 110 3.84 -4.72 -12.11
C PHE A 110 3.63 -3.32 -11.57
N SER A 111 4.56 -2.76 -10.83
CA SER A 111 4.36 -1.40 -10.35
C SER A 111 4.51 -0.43 -11.50
N ASP A 112 3.57 0.51 -11.58
CA ASP A 112 3.63 1.59 -12.56
C ASP A 112 4.54 2.72 -12.15
N CYS A 113 5.23 2.60 -11.03
CA CYS A 113 6.21 3.59 -10.60
C CYS A 113 7.58 3.22 -11.16
N SER A 114 8.38 4.26 -11.48
CA SER A 114 9.74 4.00 -11.92
C SER A 114 10.54 3.23 -10.89
N SER A 115 10.11 3.27 -9.62
CA SER A 115 10.80 2.56 -8.55
C SER A 115 10.66 1.06 -8.68
N ALA A 116 9.81 0.59 -9.61
CA ALA A 116 9.71 -0.83 -9.89
C ALA A 116 11.09 -1.44 -10.12
N LYS A 117 11.98 -0.70 -10.79
CA LYS A 117 13.31 -1.22 -11.09
C LYS A 117 14.15 -1.48 -9.86
N ALA A 118 13.76 -0.89 -8.73
CA ALA A 118 14.43 -1.07 -7.45
C ALA A 118 13.54 -1.86 -6.49
N ARG A 119 12.74 -2.79 -7.03
CA ARG A 119 11.83 -3.61 -6.24
C ARG A 119 10.88 -2.74 -5.41
N GLY A 120 10.58 -1.54 -5.91
CA GLY A 120 9.62 -0.67 -5.27
C GLY A 120 10.21 0.28 -4.24
N ASP A 121 11.49 0.15 -3.92
CA ASP A 121 12.10 0.96 -2.87
C ASP A 121 12.11 2.43 -3.25
N LEU A 122 11.60 3.27 -2.34
CA LEU A 122 11.61 4.72 -2.47
C LEU A 122 12.71 5.38 -1.67
N GLY A 123 13.45 4.60 -0.88
CA GLY A 123 14.39 5.16 0.08
C GLY A 123 13.64 5.78 1.25
N ALA A 124 14.39 6.57 2.02
CA ALA A 124 13.87 7.16 3.24
C ALA A 124 13.31 8.55 2.96
N PHE A 125 12.31 8.95 3.75
CA PHE A 125 11.68 10.25 3.55
C PHE A 125 11.07 10.73 4.85
N SER A 126 10.89 12.06 4.93
CA SER A 126 10.30 12.73 6.07
C SER A 126 8.85 13.11 5.76
N ARG A 127 8.16 13.61 6.78
CA ARG A 127 6.86 14.21 6.55
C ARG A 127 6.98 15.44 5.68
N GLY A 128 6.01 15.62 4.77
CA GLY A 128 5.98 16.77 3.88
C GLY A 128 6.47 16.51 2.48
N GLN A 129 7.15 15.38 2.23
CA GLN A 129 7.72 15.06 0.92
C GLN A 129 6.76 14.31 0.01
N MET A 130 6.06 13.32 0.53
CA MET A 130 5.17 12.47 -0.25
CA MET A 130 5.18 12.47 -0.26
C MET A 130 3.74 12.99 -0.25
N GLN A 131 2.92 12.42 -1.12
CA GLN A 131 1.51 12.74 -1.09
C GLN A 131 0.94 12.35 0.26
N LYS A 132 0.04 13.19 0.79
CA LYS A 132 -0.37 13.05 2.18
C LYS A 132 -0.92 11.67 2.52
N PRO A 133 -1.82 11.06 1.74
CA PRO A 133 -2.33 9.75 2.16
C PRO A 133 -1.24 8.71 2.22
N PHE A 134 -0.30 8.77 1.27
CA PHE A 134 0.88 7.90 1.28
C PHE A 134 1.73 8.15 2.51
N GLU A 135 2.04 9.42 2.78
CA GLU A 135 2.81 9.77 3.97
C GLU A 135 2.15 9.24 5.24
N ASP A 136 0.85 9.52 5.42
CA ASP A 136 0.17 9.10 6.63
C ASP A 136 0.20 7.58 6.79
N ALA A 137 -0.05 6.86 5.69
CA ALA A 137 0.01 5.41 5.78
C ALA A 137 1.41 4.94 6.14
N SER A 138 2.43 5.52 5.48
CA SER A 138 3.80 5.12 5.71
C SER A 138 4.18 5.30 7.17
N PHE A 139 3.83 6.44 7.77
CA PHE A 139 4.23 6.69 9.15
C PHE A 139 3.37 5.93 10.16
N ALA A 140 2.18 5.48 9.76
CA ALA A 140 1.34 4.69 10.65
C ALA A 140 1.66 3.21 10.58
N LEU A 141 2.41 2.78 9.58
CA LEU A 141 2.83 1.39 9.47
C LEU A 141 3.91 1.13 10.51
N ARG A 142 3.92 -0.07 11.05
CA ARG A 142 5.04 -0.44 11.89
C ARG A 142 6.12 -1.02 10.98
N THR A 143 7.36 -1.03 11.47
CA THR A 143 8.46 -1.54 10.64
C THR A 143 8.16 -2.97 10.20
N GLY A 144 8.23 -3.22 8.89
CA GLY A 144 7.93 -4.52 8.34
C GLY A 144 6.49 -4.74 7.94
N GLU A 145 5.58 -3.85 8.33
CA GLU A 145 4.17 -3.98 8.03
C GLU A 145 3.85 -3.46 6.64
N MET A 146 2.82 -4.05 6.03
CA MET A 146 2.27 -3.69 4.73
C MET A 146 0.92 -3.01 4.86
N SER A 147 0.70 -2.01 4.01
CA SER A 147 -0.58 -1.34 3.97
C SER A 147 -1.61 -2.14 3.21
N GLY A 148 -2.86 -1.72 3.33
CA GLY A 148 -3.86 -2.12 2.37
C GLY A 148 -3.79 -1.16 1.19
N PRO A 149 -4.80 -1.14 0.33
CA PRO A 149 -4.77 -0.19 -0.78
C PRO A 149 -4.80 1.24 -0.26
N VAL A 150 -3.84 2.06 -0.72
CA VAL A 150 -3.77 3.46 -0.32
C VAL A 150 -3.91 4.32 -1.57
N PHE A 151 -4.82 5.28 -1.52
CA PHE A 151 -5.20 6.05 -2.69
C PHE A 151 -4.52 7.41 -2.68
N THR A 152 -3.94 7.79 -3.82
CA THR A 152 -3.38 9.12 -4.01
C THR A 152 -3.72 9.60 -5.40
N ASP A 153 -3.28 10.81 -5.75
CA ASP A 153 -3.43 11.25 -7.13
C ASP A 153 -2.60 10.44 -8.12
N SER A 154 -1.59 9.71 -7.66
CA SER A 154 -0.86 8.85 -8.58
C SER A 154 -1.63 7.60 -8.97
N GLY A 155 -2.49 7.11 -8.07
CA GLY A 155 -3.11 5.82 -8.28
C GLY A 155 -3.38 5.12 -6.97
N ILE A 156 -3.21 3.81 -6.96
CA ILE A 156 -3.42 2.99 -5.77
C ILE A 156 -2.11 2.32 -5.42
N HIS A 157 -1.73 2.36 -4.15
CA HIS A 157 -0.45 1.88 -3.66
C HIS A 157 -0.64 0.71 -2.70
N ILE A 158 0.28 -0.24 -2.76
CA ILE A 158 0.57 -1.11 -1.64
C ILE A 158 1.89 -0.63 -1.07
N ILE A 159 1.92 -0.32 0.22
CA ILE A 159 3.11 0.27 0.83
C ILE A 159 3.72 -0.72 1.81
N LEU A 160 5.03 -0.94 1.72
CA LEU A 160 5.76 -1.78 2.67
C LEU A 160 6.74 -0.91 3.42
N ARG A 161 6.56 -0.76 4.72
CA ARG A 161 7.51 0.01 5.52
C ARG A 161 8.70 -0.89 5.83
N THR A 162 9.87 -0.54 5.31
CA THR A 162 11.05 -1.35 5.53
C THR A 162 11.94 -0.81 6.65
N GLU A 163 11.86 0.47 6.95
CA GLU A 163 12.65 1.03 8.06
C GLU A 163 11.86 2.12 8.74
C10 M4T B . 13.44 4.91 -7.41
C01 M4T B . 11.69 7.04 -6.20
C02 M4T B . 11.02 6.98 -7.54
C05 M4T B . 12.77 5.43 -8.52
C06 M4T B . 13.28 5.09 -9.77
C07 M4T B . 14.40 4.30 -9.85
C08 M4T B . 14.99 3.84 -8.70
N04 M4T B . 11.62 6.25 -8.52
N09 M4T B . 14.54 4.14 -7.48
O03 M4T B . 9.97 7.59 -7.75
O1 PE8 C . -3.58 -5.87 5.17
C2 PE8 C . -4.44 -5.02 4.43
C3 PE8 C . -4.85 -5.56 3.09
O4 PE8 C . -5.25 -6.92 3.22
C5 PE8 C . -6.44 -7.20 2.51
C6 PE8 C . -6.54 -8.68 2.27
O7 PE8 C . -6.29 -9.37 3.48
C8 PE8 C . -6.56 -10.77 3.36
C9 PE8 C . -6.29 -11.44 4.65
O10 PE8 C . -7.08 -10.82 5.66
C11 PE8 C . -6.97 -11.49 6.90
C12 PE8 C . -8.31 -11.47 7.51
O13 PE8 C . -8.60 -10.17 7.98
C14 PE8 C . -9.93 -10.05 8.44
C15 PE8 C . -10.85 -10.56 7.40
O16 PE8 C . -11.77 -9.55 7.00
C17 PE8 C . -11.19 -8.50 6.23
C18 PE8 C . -12.12 -8.16 5.11
O19 PE8 C . -11.74 -6.91 4.52
C20 PE8 C . -10.39 -6.88 4.08
C21 PE8 C . -10.15 -7.76 2.89
O22 PE8 C . -10.45 -7.07 1.68
C23 PE8 C . -11.84 -6.95 1.44
C24 PE8 C . -12.46 -8.32 1.36
O25 PE8 C . -13.84 -8.30 1.64
C10 M4T D . 13.83 8.73 -8.54
C10 M4T D . 14.86 8.05 -7.89
C01 M4T D . 14.06 6.71 -12.71
C01 M4T D . 12.26 11.97 -7.01
C02 M4T D . 14.53 8.03 -12.14
C02 M4T D . 12.30 10.76 -7.90
C05 M4T D . 14.51 8.27 -9.67
C05 M4T D . 14.07 9.07 -8.41
C06 M4T D . 15.75 7.68 -9.47
C06 M4T D . 14.18 9.36 -9.75
C07 M4T D . 16.26 7.58 -8.19
C07 M4T D . 15.02 8.61 -10.54
C08 M4T D . 15.52 8.06 -7.15
C08 M4T D . 15.76 7.60 -9.95
N04 M4T D . 13.96 8.38 -10.96
N04 M4T D . 13.24 9.84 -7.55
N09 M4T D . 14.32 8.64 -7.30
N09 M4T D . 15.69 7.30 -8.65
O03 M4T D . 15.33 8.74 -12.73
O03 M4T D . 11.52 10.61 -8.83
S SO4 E . 8.22 0.52 14.78
O1 SO4 E . 8.49 0.45 16.22
O2 SO4 E . 7.33 1.66 14.52
O3 SO4 E . 9.48 0.67 14.06
O4 SO4 E . 7.58 -0.72 14.34
S SO4 F . 2.12 10.52 -11.06
O1 SO4 F . 2.14 10.72 -9.62
O2 SO4 F . 0.83 10.01 -11.51
O3 SO4 F . 2.37 11.83 -11.68
O4 SO4 F . 3.20 9.60 -11.46
S SO4 G . -4.50 -4.27 -16.94
O1 SO4 G . -4.96 -5.58 -16.49
O2 SO4 G . -5.24 -3.22 -16.22
O3 SO4 G . -3.06 -4.18 -16.66
O4 SO4 G . -4.72 -4.11 -18.38
CL CL H . 0.14 -7.59 -16.86
#